data_6BML
#
_entry.id   6BML
#
_cell.length_a   99.794
_cell.length_b   99.794
_cell.length_c   159.947
_cell.angle_alpha   90.00
_cell.angle_beta   90.00
_cell.angle_gamma   120.00
#
_symmetry.space_group_name_H-M   'P 63'
#
loop_
_entity.id
_entity.type
_entity.pdbx_description
1 polymer 'human DHHC20 palmitoyltransferase'
2 non-polymer 'ZINC ION'
3 non-polymer 'PALMITIC ACID'
4 non-polymer 'PHOSPHATE ION'
5 non-polymer "3'-PHOSPHATE-ADENOSINE-5'-DIPHOSPHATE"
6 water water
#
_entity_poly.entity_id   1
_entity_poly.type   'polypeptide(L)'
_entity_poly.pdbx_seq_one_letter_code
;TLWRCCQRVVGWVPVLFITFVVVWSYYAYVVELCVFTIFGNEENGKTVVYLVAFHLFFVMFVWSYWMTIFTSPASPSKEF
YLSNSEKERYEKEFSQERQQEILRRAARALPIYTTSASKTIRYCEKCQLIKPDRAHHCSACDSCILKMDHHCPWVNNCVG
FSNYKFFLLFLLYSLLYCLFVAATVLEYFIKFWTNELTDTRAKFHVLFLFFVSAMFFISVLSLFSYHCWLVGKNRTTIES
FRAPTFSYGPDGNGFSLGASKNWRQVFGDEKKYWLLPIFSSLGDGCSFPTRLVGM
;
_entity_poly.pdbx_strand_id   A,B
#
loop_
_chem_comp.id
_chem_comp.type
_chem_comp.name
_chem_comp.formula
PAP non-polymer 3'-PHOSPHATE-ADENOSINE-5'-DIPHOSPHATE 'C10 H16 N5 O13 P3'
PLM non-polymer 'PALMITIC ACID' 'C16 H32 O2'
PO4 non-polymer 'PHOSPHATE ION' 'O4 P -3'
ZN non-polymer 'ZINC ION' 'Zn 2'
#
# COMPACT_ATOMS: atom_id res chain seq x y z
N THR A 1 -8.44 -36.18 -23.75
CA THR A 1 -8.19 -35.11 -24.71
C THR A 1 -8.14 -33.76 -24.01
N LEU A 2 -9.20 -33.43 -23.28
CA LEU A 2 -9.29 -32.20 -22.51
C LEU A 2 -8.86 -32.40 -21.05
N TRP A 3 -8.28 -33.55 -20.72
CA TRP A 3 -7.85 -33.81 -19.35
C TRP A 3 -6.70 -32.89 -18.92
N ARG A 4 -5.95 -32.35 -19.88
CA ARG A 4 -4.89 -31.42 -19.53
C ARG A 4 -5.45 -30.14 -18.91
N CYS A 5 -6.54 -29.62 -19.48
CA CYS A 5 -7.11 -28.38 -18.96
C CYS A 5 -7.64 -28.57 -17.54
N CYS A 6 -8.23 -29.73 -17.25
CA CYS A 6 -8.72 -29.98 -15.90
C CYS A 6 -7.57 -30.22 -14.92
N GLN A 7 -6.54 -30.95 -15.36
CA GLN A 7 -5.39 -31.19 -14.48
C GLN A 7 -4.60 -29.92 -14.23
N ARG A 8 -4.46 -29.07 -15.24
CA ARG A 8 -3.72 -27.83 -15.08
C ARG A 8 -4.42 -26.85 -14.17
N VAL A 9 -5.75 -26.82 -14.21
CA VAL A 9 -6.52 -25.89 -13.38
C VAL A 9 -6.61 -26.38 -11.94
N VAL A 10 -6.84 -27.68 -11.75
CA VAL A 10 -6.98 -28.21 -10.39
C VAL A 10 -5.69 -28.07 -9.59
N GLY A 11 -4.55 -27.89 -10.27
CA GLY A 11 -3.31 -27.63 -9.56
C GLY A 11 -3.26 -26.27 -8.91
N TRP A 12 -4.07 -25.33 -9.39
CA TRP A 12 -4.16 -23.99 -8.83
C TRP A 12 -5.12 -23.89 -7.65
N VAL A 13 -5.83 -24.98 -7.33
CA VAL A 13 -6.78 -24.94 -6.22
C VAL A 13 -6.09 -24.66 -4.89
N PRO A 14 -4.98 -25.31 -4.53
CA PRO A 14 -4.29 -24.94 -3.29
C PRO A 14 -3.79 -23.51 -3.29
N VAL A 15 -3.44 -22.96 -4.45
CA VAL A 15 -2.99 -21.57 -4.51
C VAL A 15 -4.16 -20.62 -4.26
N LEU A 16 -5.30 -20.87 -4.92
CA LEU A 16 -6.48 -20.03 -4.69
C LEU A 16 -6.99 -20.16 -3.25
N PHE A 17 -6.82 -21.33 -2.64
CA PHE A 17 -7.24 -21.50 -1.25
C PHE A 17 -6.39 -20.65 -0.32
N ILE A 18 -5.06 -20.77 -0.41
CA ILE A 18 -4.18 -19.94 0.40
C ILE A 18 -4.42 -18.47 0.12
N THR A 19 -4.66 -18.12 -1.15
CA THR A 19 -4.90 -16.73 -1.51
C THR A 19 -6.14 -16.18 -0.80
N PHE A 20 -7.22 -16.97 -0.75
CA PHE A 20 -8.42 -16.55 -0.05
C PHE A 20 -8.15 -16.29 1.43
N VAL A 21 -7.50 -17.25 2.10
CA VAL A 21 -7.23 -17.11 3.52
C VAL A 21 -6.39 -15.86 3.80
N VAL A 22 -5.44 -15.57 2.91
CA VAL A 22 -4.60 -14.39 3.10
C VAL A 22 -5.42 -13.12 2.87
N VAL A 23 -6.27 -13.11 1.84
CA VAL A 23 -7.14 -11.96 1.62
C VAL A 23 -8.11 -11.80 2.77
N TRP A 24 -8.66 -12.91 3.27
CA TRP A 24 -9.53 -12.85 4.45
C TRP A 24 -8.78 -12.29 5.65
N SER A 25 -7.51 -12.66 5.79
CA SER A 25 -6.71 -12.13 6.91
C SER A 25 -6.52 -10.63 6.80
N TYR A 26 -6.27 -10.13 5.58
CA TYR A 26 -6.11 -8.69 5.39
C TYR A 26 -7.38 -7.95 5.77
N TYR A 27 -8.54 -8.52 5.43
CA TYR A 27 -9.81 -7.91 5.80
C TYR A 27 -10.04 -8.00 7.30
N ALA A 28 -9.83 -9.19 7.89
CA ALA A 28 -10.13 -9.38 9.30
C ALA A 28 -9.23 -8.53 10.19
N TYR A 29 -7.95 -8.41 9.84
CA TYR A 29 -7.03 -7.67 10.69
C TYR A 29 -7.22 -6.16 10.54
N VAL A 30 -7.29 -5.67 9.29
CA VAL A 30 -7.37 -4.24 9.06
C VAL A 30 -8.74 -3.69 9.44
N VAL A 31 -9.81 -4.31 8.93
CA VAL A 31 -11.15 -3.76 9.10
C VAL A 31 -11.71 -4.15 10.47
N GLU A 32 -11.79 -5.45 10.75
CA GLU A 32 -12.48 -5.91 11.94
C GLU A 32 -11.70 -5.59 13.21
N LEU A 33 -10.38 -5.80 13.19
CA LEU A 33 -9.58 -5.62 14.41
C LEU A 33 -9.11 -4.18 14.59
N CYS A 34 -8.60 -3.55 13.53
CA CYS A 34 -8.00 -2.23 13.69
C CYS A 34 -9.06 -1.13 13.63
N VAL A 35 -10.06 -1.26 12.77
CA VAL A 35 -11.06 -0.22 12.59
C VAL A 35 -12.24 -0.41 13.53
N PHE A 36 -12.77 -1.63 13.61
CA PHE A 36 -13.97 -1.85 14.41
C PHE A 36 -13.66 -2.09 15.88
N THR A 37 -12.50 -2.67 16.20
CA THR A 37 -12.17 -3.05 17.57
C THR A 37 -11.23 -2.06 18.23
N ILE A 38 -10.03 -1.88 17.67
CA ILE A 38 -9.05 -1.00 18.30
C ILE A 38 -9.42 0.46 18.11
N PHE A 39 -9.91 0.82 16.91
CA PHE A 39 -10.33 2.20 16.68
C PHE A 39 -11.65 2.50 17.39
N GLY A 40 -12.50 1.50 17.56
CA GLY A 40 -13.69 1.66 18.37
C GLY A 40 -13.42 1.80 19.86
N ASN A 41 -12.17 1.62 20.28
CA ASN A 41 -11.76 1.78 21.67
C ASN A 41 -11.06 3.11 21.92
N GLU A 42 -11.12 4.04 20.96
CA GLU A 42 -10.52 5.36 21.08
C GLU A 42 -9.01 5.28 21.28
N GLU A 43 -8.38 4.28 20.68
CA GLU A 43 -6.93 4.11 20.75
C GLU A 43 -6.33 4.44 19.38
N ASN A 44 -6.31 5.73 19.03
CA ASN A 44 -5.77 6.14 17.74
C ASN A 44 -4.28 5.84 17.63
N GLY A 45 -3.54 5.95 18.74
CA GLY A 45 -2.12 5.67 18.69
C GLY A 45 -1.82 4.23 18.36
N LYS A 46 -2.44 3.30 19.08
CA LYS A 46 -2.21 1.88 18.84
C LYS A 46 -2.75 1.44 17.48
N THR A 47 -3.84 2.05 17.02
CA THR A 47 -4.42 1.68 15.74
C THR A 47 -3.46 1.92 14.59
N VAL A 48 -2.82 3.10 14.57
CA VAL A 48 -1.93 3.45 13.47
C VAL A 48 -0.68 2.57 13.49
N VAL A 49 -0.14 2.30 14.67
CA VAL A 49 1.09 1.51 14.76
C VAL A 49 0.88 0.10 14.22
N TYR A 50 -0.22 -0.55 14.61
CA TYR A 50 -0.49 -1.90 14.14
C TYR A 50 -0.71 -1.93 12.63
N LEU A 51 -1.38 -0.91 12.08
CA LEU A 51 -1.67 -0.90 10.65
C LEU A 51 -0.39 -0.80 9.83
N VAL A 52 0.57 0.02 10.26
CA VAL A 52 1.81 0.18 9.52
C VAL A 52 2.63 -1.11 9.58
N ALA A 53 2.81 -1.65 10.79
CA ALA A 53 3.58 -2.88 10.94
C ALA A 53 2.96 -4.04 10.18
N PHE A 54 1.63 -4.16 10.23
CA PHE A 54 0.96 -5.23 9.51
C PHE A 54 1.24 -5.17 8.01
N HIS A 55 1.19 -3.97 7.43
CA HIS A 55 1.42 -3.85 6.00
C HIS A 55 2.86 -4.19 5.63
N LEU A 56 3.81 -3.97 6.54
CA LEU A 56 5.18 -4.39 6.28
C LEU A 56 5.28 -5.91 6.22
N PHE A 57 4.75 -6.60 7.23
CA PHE A 57 4.76 -8.05 7.22
C PHE A 57 3.92 -8.61 6.09
N PHE A 58 2.77 -8.00 5.83
CA PHE A 58 1.90 -8.48 4.75
C PHE A 58 2.58 -8.35 3.40
N VAL A 59 3.34 -7.28 3.19
CA VAL A 59 4.01 -7.08 1.91
C VAL A 59 5.13 -8.10 1.75
N MET A 60 5.98 -8.25 2.76
CA MET A 60 7.07 -9.22 2.68
C MET A 60 6.54 -10.64 2.57
N PHE A 61 5.34 -10.90 3.13
CA PHE A 61 4.73 -12.21 3.01
C PHE A 61 4.23 -12.45 1.60
N VAL A 62 3.43 -11.51 1.07
CA VAL A 62 2.87 -11.69 -0.27
C VAL A 62 3.97 -11.62 -1.33
N TRP A 63 5.01 -10.83 -1.08
CA TRP A 63 6.12 -10.76 -2.03
C TRP A 63 6.85 -12.10 -2.12
N SER A 64 7.13 -12.72 -0.97
CA SER A 64 7.81 -14.00 -0.96
C SER A 64 6.92 -15.11 -1.53
N TYR A 65 5.63 -15.08 -1.20
CA TYR A 65 4.71 -16.08 -1.71
C TYR A 65 4.58 -15.99 -3.23
N TRP A 66 4.51 -14.77 -3.76
CA TRP A 66 4.42 -14.60 -5.21
C TRP A 66 5.66 -15.12 -5.91
N MET A 67 6.85 -14.81 -5.37
CA MET A 67 8.08 -15.27 -6.00
C MET A 67 8.22 -16.78 -5.93
N THR A 68 7.70 -17.40 -4.87
CA THR A 68 7.79 -18.86 -4.76
C THR A 68 6.87 -19.55 -5.77
N ILE A 69 5.79 -18.91 -6.17
CA ILE A 69 4.83 -19.55 -7.08
C ILE A 69 5.29 -19.44 -8.53
N PHE A 70 5.65 -18.22 -8.96
CA PHE A 70 5.82 -17.93 -10.38
C PHE A 70 7.27 -17.95 -10.84
N THR A 71 8.22 -18.28 -9.97
CA THR A 71 9.60 -18.48 -10.40
C THR A 71 9.70 -19.86 -11.03
N SER A 72 9.77 -19.91 -12.35
CA SER A 72 9.81 -21.19 -13.04
C SER A 72 11.09 -21.93 -12.68
N PRO A 73 11.02 -23.23 -12.42
CA PRO A 73 12.22 -23.98 -12.02
C PRO A 73 13.18 -24.13 -13.19
N ALA A 74 14.47 -24.01 -12.89
CA ALA A 74 15.49 -24.13 -13.93
C ALA A 74 15.60 -25.56 -14.40
N SER A 75 15.76 -25.73 -15.71
CA SER A 75 15.91 -27.03 -16.35
C SER A 75 17.36 -27.26 -16.75
N PRO A 76 17.77 -28.51 -16.97
CA PRO A 76 19.15 -28.77 -17.37
C PRO A 76 19.50 -28.06 -18.67
N SER A 77 20.78 -27.69 -18.79
CA SER A 77 21.27 -27.00 -19.97
C SER A 77 21.21 -27.91 -21.20
N LYS A 78 21.41 -27.29 -22.37
CA LYS A 78 21.37 -28.05 -23.61
C LYS A 78 22.57 -28.97 -23.77
N GLU A 79 23.66 -28.71 -23.05
CA GLU A 79 24.82 -29.59 -23.12
C GLU A 79 24.54 -30.96 -22.53
N PHE A 80 23.61 -31.06 -21.58
CA PHE A 80 23.30 -32.34 -20.95
C PHE A 80 22.44 -33.24 -21.82
N TYR A 81 21.65 -32.67 -22.72
CA TYR A 81 20.76 -33.48 -23.54
C TYR A 81 21.56 -34.36 -24.50
N LEU A 82 21.05 -35.56 -24.75
CA LEU A 82 21.64 -36.45 -25.74
C LEU A 82 21.33 -35.94 -27.14
N SER A 83 22.36 -35.88 -27.98
CA SER A 83 22.16 -35.45 -29.36
C SER A 83 21.35 -36.50 -30.12
N ASN A 84 20.73 -36.05 -31.22
CA ASN A 84 19.85 -36.92 -31.99
C ASN A 84 20.57 -38.16 -32.51
N SER A 85 21.89 -38.06 -32.73
CA SER A 85 22.67 -39.25 -33.08
C SER A 85 22.89 -40.13 -31.85
N GLU A 86 23.21 -39.54 -30.71
CA GLU A 86 23.46 -40.32 -29.51
C GLU A 86 22.17 -40.90 -28.93
N LYS A 87 21.04 -40.22 -29.09
CA LYS A 87 19.78 -40.77 -28.61
C LYS A 87 19.36 -42.01 -29.40
N GLU A 88 19.69 -42.05 -30.69
CA GLU A 88 19.36 -43.20 -31.52
C GLU A 88 20.16 -44.42 -31.07
N ARG A 89 21.47 -44.23 -30.86
CA ARG A 89 22.32 -45.31 -30.42
C ARG A 89 21.86 -45.91 -29.09
N TYR A 90 21.25 -45.09 -28.24
CA TYR A 90 20.75 -45.58 -26.97
C TYR A 90 19.49 -46.42 -27.14
N GLU A 91 18.53 -45.91 -27.93
CA GLU A 91 17.29 -46.64 -28.15
C GLU A 91 17.48 -47.85 -29.07
N LYS A 92 18.50 -47.84 -29.93
CA LYS A 92 18.74 -48.98 -30.81
C LYS A 92 19.35 -50.15 -30.05
N GLU A 93 20.31 -49.88 -29.16
CA GLU A 93 21.00 -50.95 -28.45
C GLU A 93 20.08 -51.58 -27.42
N PHE A 94 20.28 -52.88 -27.19
CA PHE A 94 19.47 -53.64 -26.24
C PHE A 94 20.25 -54.13 -25.04
N SER A 95 21.58 -54.05 -25.04
CA SER A 95 22.41 -54.52 -23.94
C SER A 95 22.65 -53.37 -22.96
N GLN A 96 22.24 -53.57 -21.71
CA GLN A 96 22.42 -52.55 -20.68
C GLN A 96 23.89 -52.28 -20.38
N GLU A 97 24.80 -53.15 -20.82
CA GLU A 97 26.22 -52.89 -20.64
C GLU A 97 26.72 -51.87 -21.66
N ARG A 98 26.32 -52.02 -22.92
CA ARG A 98 26.66 -51.03 -23.93
C ARG A 98 25.85 -49.75 -23.79
N GLN A 99 24.67 -49.82 -23.16
CA GLN A 99 23.91 -48.61 -22.88
C GLN A 99 24.67 -47.69 -21.93
N GLN A 100 25.29 -48.27 -20.91
CA GLN A 100 26.10 -47.48 -19.98
C GLN A 100 27.35 -46.92 -20.66
N GLU A 101 27.91 -47.65 -21.62
CA GLU A 101 29.10 -47.16 -22.32
C GLU A 101 28.79 -45.93 -23.17
N ILE A 102 27.55 -45.81 -23.64
CA ILE A 102 27.16 -44.61 -24.37
C ILE A 102 26.98 -43.43 -23.43
N LEU A 103 26.31 -43.66 -22.30
CA LEU A 103 26.09 -42.58 -21.34
C LEU A 103 27.38 -42.14 -20.67
N ARG A 104 28.28 -43.08 -20.37
CA ARG A 104 29.52 -42.73 -19.69
C ARG A 104 30.42 -41.89 -20.59
N ARG A 105 30.44 -42.17 -21.89
CA ARG A 105 31.32 -41.43 -22.79
C ARG A 105 30.91 -39.97 -22.88
N ALA A 106 29.60 -39.71 -22.92
CA ALA A 106 29.12 -38.32 -22.97
C ALA A 106 29.20 -37.65 -21.59
N ALA A 107 28.93 -38.41 -20.53
CA ALA A 107 28.89 -37.83 -19.19
C ALA A 107 30.27 -37.39 -18.73
N ARG A 108 31.33 -38.06 -19.18
CA ARG A 108 32.68 -37.67 -18.79
C ARG A 108 33.12 -36.35 -19.43
N ALA A 109 32.37 -35.85 -20.41
CA ALA A 109 32.55 -34.51 -20.94
C ALA A 109 31.68 -33.49 -20.22
N LEU A 110 31.05 -33.87 -19.11
CA LEU A 110 30.14 -33.03 -18.34
C LEU A 110 30.59 -32.97 -16.90
N PRO A 111 30.34 -31.85 -16.21
CA PRO A 111 30.74 -31.73 -14.80
C PRO A 111 29.87 -32.57 -13.87
N ILE A 112 30.02 -33.89 -13.93
CA ILE A 112 29.23 -34.82 -13.13
C ILE A 112 30.15 -35.56 -12.19
N TYR A 113 29.84 -35.52 -10.90
CA TYR A 113 30.62 -36.21 -9.88
C TYR A 113 29.80 -37.22 -9.08
N THR A 114 28.54 -37.43 -9.44
CA THR A 114 27.67 -38.37 -8.74
C THR A 114 27.18 -39.44 -9.71
N THR A 115 26.80 -40.59 -9.15
CA THR A 115 26.21 -41.68 -9.92
C THR A 115 24.96 -42.17 -9.19
N SER A 116 24.33 -43.21 -9.74
CA SER A 116 23.18 -43.82 -9.10
C SER A 116 23.63 -44.79 -8.01
N ALA A 117 22.66 -45.42 -7.35
CA ALA A 117 22.98 -46.41 -6.33
C ALA A 117 23.68 -47.63 -6.91
N SER A 118 23.46 -47.92 -8.20
CA SER A 118 24.06 -49.06 -8.87
C SER A 118 25.32 -48.67 -9.65
N LYS A 119 25.96 -47.56 -9.28
CA LYS A 119 27.19 -47.07 -9.92
C LYS A 119 27.00 -46.82 -11.41
N THR A 120 25.76 -46.51 -11.81
CA THR A 120 25.43 -46.19 -13.19
C THR A 120 25.21 -44.69 -13.35
N ILE A 121 25.33 -44.23 -14.60
CA ILE A 121 25.14 -42.82 -14.90
C ILE A 121 23.67 -42.46 -14.69
N ARG A 122 23.43 -41.37 -13.97
CA ARG A 122 22.07 -40.91 -13.71
C ARG A 122 21.46 -40.36 -15.00
N TYR A 123 20.45 -41.06 -15.52
CA TYR A 123 19.84 -40.75 -16.80
C TYR A 123 18.33 -40.75 -16.68
N CYS A 124 17.68 -39.83 -17.39
CA CYS A 124 16.23 -39.68 -17.40
C CYS A 124 15.70 -40.13 -18.75
N GLU A 125 14.90 -41.21 -18.73
CA GLU A 125 14.38 -41.76 -19.98
C GLU A 125 13.35 -40.84 -20.61
N LYS A 126 12.51 -40.20 -19.80
CA LYS A 126 11.45 -39.34 -20.34
C LYS A 126 12.04 -38.11 -21.01
N CYS A 127 12.90 -37.37 -20.29
CA CYS A 127 13.49 -36.16 -20.83
C CYS A 127 14.60 -36.45 -21.84
N GLN A 128 15.11 -37.68 -21.88
CA GLN A 128 16.22 -38.06 -22.75
C GLN A 128 17.44 -37.17 -22.50
N LEU A 129 17.75 -36.94 -21.23
CA LEU A 129 18.92 -36.15 -20.84
C LEU A 129 19.63 -36.87 -19.70
N ILE A 130 20.88 -36.47 -19.47
CA ILE A 130 21.65 -36.96 -18.35
C ILE A 130 21.46 -36.00 -17.19
N LYS A 131 20.89 -36.47 -16.10
CA LYS A 131 20.59 -35.63 -14.95
C LYS A 131 21.86 -35.00 -14.40
N PRO A 132 21.96 -33.68 -14.29
CA PRO A 132 23.06 -33.08 -13.55
C PRO A 132 23.00 -33.48 -12.08
N ASP A 133 24.07 -33.13 -11.36
CA ASP A 133 24.11 -33.44 -9.93
C ASP A 133 22.98 -32.73 -9.20
N ARG A 134 22.41 -33.42 -8.21
CA ARG A 134 21.34 -32.90 -7.35
C ARG A 134 20.06 -32.61 -8.12
N ALA A 135 20.03 -32.92 -9.41
CA ALA A 135 18.86 -32.70 -10.25
C ALA A 135 18.03 -33.96 -10.34
N HIS A 136 16.72 -33.82 -10.21
CA HIS A 136 15.80 -34.95 -10.23
C HIS A 136 14.58 -34.61 -11.09
N HIS A 137 13.89 -35.65 -11.52
CA HIS A 137 12.69 -35.51 -12.35
C HIS A 137 11.46 -35.49 -11.46
N CYS A 138 10.48 -34.67 -11.84
CA CYS A 138 9.25 -34.50 -11.08
C CYS A 138 8.07 -34.81 -11.99
N SER A 139 7.28 -35.83 -11.60
CA SER A 139 6.15 -36.23 -12.43
C SER A 139 5.03 -35.21 -12.42
N ALA A 140 5.02 -34.29 -11.44
CA ALA A 140 4.03 -33.22 -11.44
C ALA A 140 4.45 -32.11 -12.41
N CYS A 141 5.72 -31.72 -12.38
CA CYS A 141 6.24 -30.76 -13.34
C CYS A 141 6.56 -31.39 -14.69
N ASP A 142 6.69 -32.72 -14.74
CA ASP A 142 7.05 -33.45 -15.97
C ASP A 142 8.32 -32.87 -16.59
N SER A 143 9.31 -32.63 -15.74
CA SER A 143 10.57 -32.04 -16.18
C SER A 143 11.61 -32.23 -15.08
N CYS A 144 12.88 -32.13 -15.47
CA CYS A 144 13.97 -32.23 -14.52
C CYS A 144 14.22 -30.88 -13.87
N ILE A 145 14.39 -30.88 -12.54
CA ILE A 145 14.51 -29.68 -11.74
C ILE A 145 15.91 -29.63 -11.14
N LEU A 146 16.65 -28.57 -11.45
CA LEU A 146 18.00 -28.42 -10.92
C LEU A 146 17.95 -28.20 -9.42
N LYS A 147 18.81 -28.92 -8.70
CA LYS A 147 18.84 -28.92 -7.23
C LYS A 147 17.42 -29.02 -6.66
N MET A 148 16.68 -30.02 -7.17
CA MET A 148 15.29 -30.19 -6.76
C MET A 148 15.22 -30.53 -5.27
N ASP A 149 14.30 -29.87 -4.57
CA ASP A 149 14.08 -30.11 -3.15
C ASP A 149 12.81 -30.93 -2.92
N HIS A 150 11.67 -30.44 -3.41
CA HIS A 150 10.41 -31.15 -3.36
C HIS A 150 9.39 -30.36 -4.16
N HIS A 151 8.29 -31.02 -4.52
CA HIS A 151 7.19 -30.38 -5.21
C HIS A 151 6.15 -29.98 -4.16
N CYS A 152 6.17 -28.71 -3.77
CA CYS A 152 5.24 -28.22 -2.76
C CYS A 152 3.87 -28.02 -3.39
N PRO A 153 2.82 -28.70 -2.91
CA PRO A 153 1.50 -28.55 -3.54
C PRO A 153 0.81 -27.23 -3.23
N TRP A 154 1.17 -26.55 -2.14
CA TRP A 154 0.48 -25.31 -1.79
C TRP A 154 0.83 -24.17 -2.74
N VAL A 155 1.93 -24.29 -3.48
CA VAL A 155 2.23 -23.44 -4.61
C VAL A 155 2.16 -24.31 -5.85
N ASN A 156 1.78 -23.72 -6.98
CA ASN A 156 1.66 -24.53 -8.18
C ASN A 156 3.00 -24.76 -8.88
N ASN A 157 4.11 -24.69 -8.15
CA ASN A 157 5.43 -24.84 -8.74
C ASN A 157 6.25 -25.82 -7.90
N CYS A 158 7.45 -26.12 -8.41
CA CYS A 158 8.41 -26.98 -7.73
C CYS A 158 9.48 -26.14 -7.06
N VAL A 159 9.88 -26.56 -5.86
CA VAL A 159 10.94 -25.87 -5.12
C VAL A 159 12.28 -26.47 -5.55
N GLY A 160 13.05 -25.71 -6.33
CA GLY A 160 14.30 -26.15 -6.87
C GLY A 160 15.40 -25.11 -6.66
N PHE A 161 16.39 -25.16 -7.55
CA PHE A 161 17.54 -24.27 -7.43
C PHE A 161 17.13 -22.81 -7.54
N SER A 162 16.15 -22.51 -8.38
CA SER A 162 15.69 -21.14 -8.54
C SER A 162 14.74 -20.72 -7.42
N ASN A 163 13.91 -21.66 -6.95
CA ASN A 163 12.86 -21.34 -5.99
C ASN A 163 13.33 -21.36 -4.54
N TYR A 164 14.47 -22.00 -4.25
CA TYR A 164 14.78 -22.41 -2.89
C TYR A 164 14.82 -21.23 -1.92
N LYS A 165 15.62 -20.21 -2.24
CA LYS A 165 15.74 -19.07 -1.33
C LYS A 165 14.41 -18.34 -1.17
N PHE A 166 13.62 -18.28 -2.25
CA PHE A 166 12.29 -17.68 -2.15
C PHE A 166 11.38 -18.50 -1.26
N PHE A 167 11.42 -19.82 -1.41
CA PHE A 167 10.62 -20.70 -0.56
C PHE A 167 11.00 -20.53 0.91
N LEU A 168 12.29 -20.41 1.20
CA LEU A 168 12.73 -20.19 2.58
C LEU A 168 12.20 -18.86 3.12
N LEU A 169 12.36 -17.79 2.34
CA LEU A 169 11.85 -16.49 2.76
C LEU A 169 10.33 -16.51 2.89
N PHE A 170 9.63 -17.28 2.04
CA PHE A 170 8.19 -17.42 2.20
C PHE A 170 7.85 -18.04 3.54
N LEU A 171 8.57 -19.09 3.94
CA LEU A 171 8.35 -19.66 5.27
C LEU A 171 8.70 -18.66 6.35
N LEU A 172 9.85 -17.98 6.21
CA LEU A 172 10.28 -17.01 7.21
C LEU A 172 9.21 -15.96 7.46
N TYR A 173 8.83 -15.23 6.42
CA TYR A 173 7.83 -14.18 6.58
C TYR A 173 6.45 -14.73 6.89
N SER A 174 6.22 -16.04 6.71
CA SER A 174 4.94 -16.62 7.11
C SER A 174 4.82 -16.71 8.62
N LEU A 175 5.88 -17.14 9.31
CA LEU A 175 5.84 -17.14 10.76
C LEU A 175 5.76 -15.72 11.31
N LEU A 176 6.56 -14.81 10.74
CA LEU A 176 6.53 -13.42 11.21
C LEU A 176 5.16 -12.80 11.00
N TYR A 177 4.55 -13.06 9.83
CA TYR A 177 3.19 -12.58 9.60
C TYR A 177 2.20 -13.15 10.59
N CYS A 178 2.29 -14.46 10.85
CA CYS A 178 1.35 -15.11 11.76
C CYS A 178 1.66 -14.75 13.22
N LEU A 179 2.94 -14.73 13.59
CA LEU A 179 3.29 -14.37 14.96
C LEU A 179 2.84 -12.95 15.29
N PHE A 180 3.04 -12.00 14.36
CA PHE A 180 2.62 -10.63 14.60
C PHE A 180 1.10 -10.55 14.78
N VAL A 181 0.36 -11.32 13.99
CA VAL A 181 -1.09 -11.32 14.13
C VAL A 181 -1.50 -11.89 15.49
N ALA A 182 -0.95 -13.07 15.83
CA ALA A 182 -1.31 -13.70 17.09
C ALA A 182 -0.90 -12.84 18.29
N ALA A 183 0.31 -12.26 18.24
CA ALA A 183 0.79 -11.48 19.37
C ALA A 183 -0.03 -10.21 19.58
N THR A 184 -0.62 -9.66 18.52
CA THR A 184 -1.41 -8.44 18.63
C THR A 184 -2.88 -8.72 18.87
N VAL A 185 -3.42 -9.78 18.27
CA VAL A 185 -4.81 -10.15 18.51
C VAL A 185 -4.98 -10.75 19.90
N LEU A 186 -3.91 -11.27 20.50
CA LEU A 186 -3.99 -11.95 21.78
C LEU A 186 -4.63 -11.07 22.85
N GLU A 187 -4.10 -9.85 23.03
CA GLU A 187 -4.62 -8.97 24.08
C GLU A 187 -6.10 -8.66 23.86
N TYR A 188 -6.57 -8.68 22.61
CA TYR A 188 -7.98 -8.52 22.32
C TYR A 188 -8.72 -9.85 22.16
N PHE A 189 -8.00 -10.93 21.85
CA PHE A 189 -8.63 -12.25 21.86
C PHE A 189 -9.09 -12.63 23.26
N ILE A 190 -8.39 -12.14 24.29
CA ILE A 190 -8.85 -12.29 25.66
C ILE A 190 -10.20 -11.62 25.85
N LYS A 191 -10.40 -10.47 25.18
CA LYS A 191 -11.58 -9.65 25.42
C LYS A 191 -12.86 -10.32 24.91
N PHE A 192 -12.83 -10.80 23.67
CA PHE A 192 -14.05 -11.30 23.04
C PHE A 192 -14.61 -12.52 23.76
N TRP A 193 -13.76 -13.34 24.37
CA TRP A 193 -14.25 -14.52 25.08
C TRP A 193 -14.83 -14.14 26.45
N THR A 194 -14.16 -13.25 27.18
CA THR A 194 -14.62 -12.81 28.49
C THR A 194 -15.62 -11.66 28.40
N ASN A 195 -16.14 -11.36 27.21
CA ASN A 195 -17.23 -10.41 27.02
C ASN A 195 -16.84 -8.99 27.45
N GLU A 196 -15.63 -8.56 27.08
CA GLU A 196 -15.28 -7.16 27.19
C GLU A 196 -15.62 -6.39 25.92
N LEU A 197 -15.43 -7.03 24.77
CA LEU A 197 -15.86 -6.51 23.47
C LEU A 197 -16.85 -7.49 22.86
N THR A 198 -17.99 -6.96 22.40
CA THR A 198 -19.11 -7.82 22.03
C THR A 198 -19.61 -7.55 20.61
N ASP A 199 -18.76 -7.04 19.73
CA ASP A 199 -19.17 -6.78 18.35
C ASP A 199 -19.49 -8.11 17.65
N THR A 200 -20.54 -8.10 16.82
CA THR A 200 -21.03 -9.31 16.20
C THR A 200 -20.03 -9.87 15.19
N ARG A 201 -19.86 -9.19 14.05
CA ARG A 201 -18.99 -9.71 13.01
C ARG A 201 -17.52 -9.65 13.39
N ALA A 202 -17.15 -8.71 14.28
CA ALA A 202 -15.75 -8.65 14.70
C ALA A 202 -15.36 -9.83 15.57
N LYS A 203 -16.33 -10.39 16.32
CA LYS A 203 -16.04 -11.56 17.14
C LYS A 203 -15.70 -12.76 16.27
N PHE A 204 -16.50 -12.99 15.22
CA PHE A 204 -16.27 -14.13 14.34
C PHE A 204 -14.89 -14.07 13.69
N HIS A 205 -14.47 -12.89 13.27
CA HIS A 205 -13.20 -12.77 12.55
C HIS A 205 -12.01 -12.78 13.49
N VAL A 206 -12.09 -12.04 14.60
CA VAL A 206 -10.97 -11.97 15.54
C VAL A 206 -10.69 -13.33 16.14
N LEU A 207 -11.75 -14.07 16.50
CA LEU A 207 -11.57 -15.42 17.02
C LEU A 207 -10.94 -16.32 15.95
N PHE A 208 -11.47 -16.29 14.74
CA PHE A 208 -10.87 -17.05 13.65
C PHE A 208 -9.47 -16.56 13.33
N LEU A 209 -9.22 -15.25 13.45
CA LEU A 209 -7.90 -14.71 13.21
C LEU A 209 -6.87 -15.34 14.15
N PHE A 210 -7.18 -15.37 15.45
CA PHE A 210 -6.24 -15.93 16.42
C PHE A 210 -6.06 -17.43 16.21
N PHE A 211 -7.16 -18.14 15.98
CA PHE A 211 -7.08 -19.59 15.74
C PHE A 211 -6.23 -19.91 14.52
N VAL A 212 -6.56 -19.28 13.38
CA VAL A 212 -5.85 -19.60 12.13
C VAL A 212 -4.39 -19.15 12.20
N SER A 213 -4.14 -17.94 12.72
CA SER A 213 -2.77 -17.45 12.80
C SER A 213 -1.90 -18.34 13.69
N ALA A 214 -2.44 -18.74 14.84
CA ALA A 214 -1.65 -19.60 15.74
C ALA A 214 -1.44 -20.98 15.13
N MET A 215 -2.45 -21.50 14.43
CA MET A 215 -2.33 -22.83 13.84
C MET A 215 -1.25 -22.85 12.76
N PHE A 216 -1.20 -21.82 11.91
CA PHE A 216 -0.19 -21.78 10.86
C PHE A 216 1.20 -21.57 11.44
N PHE A 217 1.31 -20.89 12.58
CA PHE A 217 2.63 -20.68 13.18
C PHE A 217 3.23 -22.00 13.65
N ILE A 218 2.44 -22.82 14.35
CA ILE A 218 2.95 -24.09 14.86
C ILE A 218 3.21 -25.07 13.72
N SER A 219 2.42 -25.00 12.65
CA SER A 219 2.60 -25.93 11.54
C SER A 219 3.83 -25.60 10.71
N VAL A 220 3.98 -24.31 10.35
CA VAL A 220 5.09 -23.92 9.47
C VAL A 220 6.40 -23.92 10.25
N LEU A 221 6.35 -23.66 11.56
CA LEU A 221 7.57 -23.63 12.37
C LEU A 221 8.32 -24.96 12.31
N SER A 222 7.57 -26.07 12.26
CA SER A 222 8.21 -27.37 12.11
C SER A 222 8.95 -27.47 10.78
N LEU A 223 8.34 -26.96 9.71
CA LEU A 223 8.99 -26.99 8.40
C LEU A 223 10.18 -26.03 8.34
N PHE A 224 10.06 -24.87 8.99
CA PHE A 224 11.14 -23.89 8.94
C PHE A 224 12.39 -24.39 9.67
N SER A 225 12.21 -24.98 10.86
CA SER A 225 13.35 -25.54 11.59
C SER A 225 13.97 -26.71 10.83
N TYR A 226 13.15 -27.43 10.06
CA TYR A 226 13.64 -28.55 9.27
C TYR A 226 14.65 -28.08 8.23
N HIS A 227 14.31 -27.03 7.49
CA HIS A 227 15.18 -26.57 6.40
C HIS A 227 16.42 -25.85 6.92
N CYS A 228 16.34 -25.25 8.11
CA CYS A 228 17.52 -24.58 8.67
C CYS A 228 18.68 -25.55 8.84
N TRP A 229 18.38 -26.81 9.19
CA TRP A 229 19.44 -27.81 9.21
C TRP A 229 19.87 -28.19 7.80
N LEU A 230 18.92 -28.32 6.88
CA LEU A 230 19.24 -28.71 5.51
C LEU A 230 20.16 -27.69 4.85
N VAL A 231 19.92 -26.41 5.07
CA VAL A 231 20.77 -25.38 4.45
C VAL A 231 22.18 -25.44 5.01
N GLY A 232 22.32 -25.65 6.32
CA GLY A 232 23.65 -25.74 6.91
C GLY A 232 24.43 -26.97 6.48
N LYS A 233 23.75 -28.05 6.17
CA LYS A 233 24.38 -29.27 5.69
C LYS A 233 24.47 -29.36 4.18
N ASN A 234 23.89 -28.38 3.47
CA ASN A 234 23.86 -28.37 2.00
C ASN A 234 23.23 -29.65 1.46
N ARG A 235 22.06 -29.99 2.00
CA ARG A 235 21.30 -31.17 1.59
C ARG A 235 19.88 -30.75 1.25
N THR A 236 19.42 -31.13 0.06
CA THR A 236 18.02 -30.98 -0.28
C THR A 236 17.18 -32.03 0.43
N THR A 237 15.86 -31.85 0.40
CA THR A 237 14.96 -32.80 1.05
C THR A 237 15.10 -34.19 0.43
N ILE A 238 15.35 -34.26 -0.88
CA ILE A 238 15.55 -35.55 -1.53
C ILE A 238 16.82 -36.20 -1.04
N GLU A 239 17.91 -35.43 -0.95
CA GLU A 239 19.18 -35.97 -0.47
C GLU A 239 19.11 -36.37 1.01
N SER A 240 18.19 -35.79 1.77
CA SER A 240 18.01 -36.17 3.17
C SER A 240 17.35 -37.54 3.31
N PHE A 241 16.80 -38.10 2.23
CA PHE A 241 16.24 -39.44 2.24
C PHE A 241 17.12 -40.46 1.55
N ARG A 242 17.84 -40.07 0.51
CA ARG A 242 18.83 -40.93 -0.14
C ARG A 242 20.08 -40.10 -0.38
N ALA A 243 21.14 -40.38 0.37
CA ALA A 243 22.37 -39.62 0.22
C ALA A 243 22.98 -39.87 -1.15
N PRO A 244 23.49 -38.83 -1.82
CA PRO A 244 24.08 -39.04 -3.15
C PRO A 244 25.35 -39.88 -3.06
N THR A 245 25.55 -40.72 -4.07
CA THR A 245 26.69 -41.60 -4.17
C THR A 245 27.72 -40.99 -5.11
N PHE A 246 28.91 -40.73 -4.59
CA PHE A 246 29.99 -40.13 -5.36
C PHE A 246 30.94 -41.21 -5.87
N SER A 247 32.07 -40.79 -6.43
CA SER A 247 33.06 -41.76 -6.90
C SER A 247 33.68 -42.53 -5.74
N TYR A 248 33.72 -41.94 -4.55
CA TYR A 248 34.26 -42.58 -3.36
C TYR A 248 33.19 -43.18 -2.47
N GLY A 249 31.96 -43.32 -2.96
CA GLY A 249 30.89 -43.92 -2.21
C GLY A 249 29.87 -42.92 -1.73
N PRO A 250 28.81 -43.40 -1.06
CA PRO A 250 27.77 -42.49 -0.56
C PRO A 250 28.32 -41.53 0.47
N ASP A 251 27.89 -40.27 0.37
CA ASP A 251 28.32 -39.23 1.30
C ASP A 251 27.16 -38.29 1.54
N GLY A 252 26.74 -38.16 2.80
CA GLY A 252 25.70 -37.21 3.14
C GLY A 252 26.16 -35.77 3.16
N ASN A 253 27.47 -35.55 3.28
CA ASN A 253 28.04 -34.21 3.28
C ASN A 253 28.97 -34.00 2.08
N GLY A 254 28.66 -34.66 0.96
CA GLY A 254 29.51 -34.53 -0.22
C GLY A 254 29.50 -33.15 -0.82
N PHE A 255 28.41 -32.40 -0.64
CA PHE A 255 28.29 -31.05 -1.15
C PHE A 255 28.50 -29.99 -0.07
N SER A 256 28.72 -30.40 1.18
CA SER A 256 28.89 -29.46 2.27
C SER A 256 30.24 -28.76 2.17
N LEU A 257 30.23 -27.44 2.38
CA LEU A 257 31.44 -26.62 2.36
C LEU A 257 31.62 -25.88 3.68
N GLY A 258 31.09 -26.43 4.76
CA GLY A 258 31.05 -25.70 6.01
C GLY A 258 29.75 -24.95 6.18
N ALA A 259 29.37 -24.74 7.45
CA ALA A 259 28.08 -24.12 7.75
C ALA A 259 27.97 -22.73 7.17
N SER A 260 29.04 -21.93 7.27
CA SER A 260 28.99 -20.56 6.77
C SER A 260 28.89 -20.53 5.26
N LYS A 261 29.75 -21.27 4.56
CA LYS A 261 29.74 -21.25 3.10
C LYS A 261 28.53 -21.96 2.51
N ASN A 262 27.83 -22.80 3.28
CA ASN A 262 26.64 -23.45 2.75
C ASN A 262 25.48 -22.47 2.65
N TRP A 263 25.29 -21.62 3.67
CA TRP A 263 24.27 -20.58 3.59
C TRP A 263 24.55 -19.60 2.46
N ARG A 264 25.82 -19.36 2.15
CA ARG A 264 26.17 -18.47 1.05
C ARG A 264 25.84 -19.08 -0.31
N GLN A 265 25.71 -20.41 -0.40
CA GLN A 265 25.30 -21.02 -1.65
C GLN A 265 23.85 -20.72 -1.98
N VAL A 266 23.02 -20.54 -0.96
CA VAL A 266 21.60 -20.26 -1.15
C VAL A 266 21.32 -18.76 -1.16
N PHE A 267 21.83 -18.03 -0.17
CA PHE A 267 21.51 -16.63 -0.01
C PHE A 267 22.52 -15.70 -0.68
N GLY A 268 23.73 -16.19 -0.94
CA GLY A 268 24.72 -15.40 -1.66
C GLY A 268 25.67 -14.64 -0.76
N ASP A 269 26.54 -13.87 -1.41
CA ASP A 269 27.56 -13.09 -0.73
C ASP A 269 27.08 -11.70 -0.38
N GLU A 270 26.07 -11.19 -1.07
CA GLU A 270 25.55 -9.86 -0.85
C GLU A 270 24.58 -9.89 0.32
N LYS A 271 24.96 -9.26 1.42
CA LYS A 271 24.16 -9.33 2.64
C LYS A 271 22.84 -8.59 2.50
N LYS A 272 22.78 -7.55 1.66
CA LYS A 272 21.56 -6.77 1.52
C LYS A 272 20.43 -7.55 0.89
N TYR A 273 20.73 -8.60 0.12
CA TYR A 273 19.72 -9.40 -0.55
C TYR A 273 19.28 -10.62 0.26
N TRP A 274 19.77 -10.76 1.49
CA TRP A 274 19.47 -11.96 2.27
C TRP A 274 18.00 -12.04 2.66
N LEU A 275 17.40 -10.91 3.03
CA LEU A 275 16.01 -10.90 3.48
C LEU A 275 15.02 -10.56 2.37
N LEU A 276 15.50 -10.22 1.17
CA LEU A 276 14.60 -9.84 0.10
C LEU A 276 14.39 -10.98 -0.88
N PRO A 277 13.15 -11.22 -1.31
CA PRO A 277 12.89 -12.28 -2.29
C PRO A 277 13.44 -11.95 -3.68
N ILE A 278 14.75 -11.75 -3.77
CA ILE A 278 15.43 -11.47 -5.03
C ILE A 278 16.54 -12.50 -5.20
N PHE A 279 16.64 -13.07 -6.40
CA PHE A 279 17.56 -14.18 -6.65
C PHE A 279 19.01 -13.79 -6.38
N SER A 280 19.62 -14.42 -5.37
CA SER A 280 21.02 -14.20 -5.04
C SER A 280 21.76 -15.50 -4.79
N SER A 281 21.27 -16.62 -5.31
CA SER A 281 21.90 -17.90 -5.08
C SER A 281 23.12 -18.07 -5.99
N LEU A 282 24.17 -18.68 -5.45
CA LEU A 282 25.40 -18.88 -6.19
C LEU A 282 25.31 -20.12 -7.07
N GLY A 283 26.16 -20.15 -8.09
CA GLY A 283 26.20 -21.26 -9.02
C GLY A 283 25.11 -21.15 -10.07
N ASP A 284 24.99 -22.22 -10.87
CA ASP A 284 24.02 -22.29 -11.95
C ASP A 284 23.04 -23.43 -11.83
N GLY A 285 23.21 -24.33 -10.85
CA GLY A 285 22.32 -25.45 -10.65
C GLY A 285 22.67 -26.69 -11.43
N CYS A 286 23.53 -26.59 -12.43
CA CYS A 286 23.96 -27.75 -13.19
C CYS A 286 25.26 -28.35 -12.68
N SER A 287 26.00 -27.62 -11.85
CA SER A 287 27.20 -28.13 -11.23
C SER A 287 27.35 -27.49 -9.86
N PHE A 288 27.92 -28.24 -8.92
CA PHE A 288 28.03 -27.79 -7.54
C PHE A 288 29.41 -28.10 -7.01
N PRO A 289 29.97 -27.23 -6.16
CA PRO A 289 31.27 -27.52 -5.55
C PRO A 289 31.19 -28.73 -4.64
N THR A 290 32.29 -29.47 -4.57
CA THR A 290 32.37 -30.71 -3.83
C THR A 290 33.24 -30.53 -2.59
N ARG A 291 33.01 -31.39 -1.59
CA ARG A 291 33.82 -31.34 -0.38
C ARG A 291 35.26 -31.73 -0.65
N LEU A 292 35.50 -32.63 -1.60
CA LEU A 292 36.84 -33.10 -1.90
C LEU A 292 37.41 -32.39 -3.13
N LEU B 2 -22.32 25.40 -25.35
CA LEU B 2 -22.28 26.00 -24.02
C LEU B 2 -20.93 25.76 -23.36
N TRP B 3 -20.33 26.82 -22.82
CA TRP B 3 -19.00 26.73 -22.25
C TRP B 3 -19.01 26.19 -20.82
N ARG B 4 -20.17 25.83 -20.28
CA ARG B 4 -20.19 25.12 -19.01
C ARG B 4 -19.63 23.71 -19.16
N CYS B 5 -19.87 23.08 -20.32
CA CYS B 5 -19.26 21.78 -20.60
C CYS B 5 -17.75 21.91 -20.77
N CYS B 6 -17.30 23.01 -21.36
CA CYS B 6 -15.87 23.22 -21.52
C CYS B 6 -15.18 23.51 -20.19
N GLN B 7 -15.87 24.27 -19.32
CA GLN B 7 -15.29 24.56 -18.01
C GLN B 7 -15.14 23.29 -17.17
N ARG B 8 -16.07 22.36 -17.31
CA ARG B 8 -16.01 21.14 -16.51
C ARG B 8 -14.81 20.28 -16.89
N VAL B 9 -14.45 20.26 -18.17
CA VAL B 9 -13.32 19.43 -18.60
C VAL B 9 -12.00 20.14 -18.34
N VAL B 10 -11.92 21.44 -18.65
CA VAL B 10 -10.70 22.18 -18.43
C VAL B 10 -10.41 22.38 -16.96
N GLY B 11 -11.42 22.21 -16.09
CA GLY B 11 -11.23 22.34 -14.66
C GLY B 11 -10.42 21.22 -14.04
N TRP B 12 -10.29 20.08 -14.72
CA TRP B 12 -9.50 18.98 -14.21
C TRP B 12 -8.02 19.10 -14.53
N VAL B 13 -7.62 20.11 -15.32
CA VAL B 13 -6.20 20.26 -15.66
C VAL B 13 -5.34 20.49 -14.42
N PRO B 14 -5.68 21.39 -13.49
CA PRO B 14 -4.87 21.50 -12.27
C PRO B 14 -4.85 20.22 -11.44
N VAL B 15 -5.94 19.45 -11.47
CA VAL B 15 -5.96 18.19 -10.72
C VAL B 15 -5.05 17.16 -11.38
N LEU B 16 -5.16 17.02 -12.71
CA LEU B 16 -4.29 16.09 -13.42
C LEU B 16 -2.82 16.50 -13.32
N PHE B 17 -2.54 17.80 -13.24
CA PHE B 17 -1.17 18.25 -13.10
C PHE B 17 -0.58 17.83 -11.76
N ILE B 18 -1.29 18.13 -10.66
CA ILE B 18 -0.82 17.72 -9.35
C ILE B 18 -0.69 16.20 -9.28
N THR B 19 -1.62 15.48 -9.92
CA THR B 19 -1.56 14.02 -9.93
C THR B 19 -0.27 13.54 -10.56
N PHE B 20 0.15 14.16 -11.66
CA PHE B 20 1.42 13.79 -12.29
C PHE B 20 2.59 14.01 -11.34
N VAL B 21 2.66 15.20 -10.73
CA VAL B 21 3.77 15.51 -9.83
C VAL B 21 3.83 14.51 -8.67
N VAL B 22 2.66 14.12 -8.16
CA VAL B 22 2.63 13.17 -7.06
C VAL B 22 3.05 11.78 -7.52
N VAL B 23 2.56 11.35 -8.69
CA VAL B 23 2.98 10.06 -9.24
C VAL B 23 4.46 10.09 -9.58
N TRP B 24 4.93 11.19 -10.18
CA TRP B 24 6.36 11.32 -10.46
C TRP B 24 7.17 11.30 -9.17
N SER B 25 6.65 11.92 -8.11
CA SER B 25 7.36 11.91 -6.83
C SER B 25 7.44 10.50 -6.26
N TYR B 26 6.35 9.73 -6.38
CA TYR B 26 6.37 8.34 -5.91
C TYR B 26 7.40 7.52 -6.65
N TYR B 27 7.54 7.74 -7.96
CA TYR B 27 8.56 7.02 -8.71
C TYR B 27 9.96 7.47 -8.33
N ALA B 28 10.18 8.79 -8.26
CA ALA B 28 11.51 9.31 -8.01
C ALA B 28 12.01 8.92 -6.62
N TYR B 29 11.14 8.94 -5.62
CA TYR B 29 11.57 8.63 -4.26
C TYR B 29 11.75 7.13 -4.07
N VAL B 30 10.78 6.33 -4.52
CA VAL B 30 10.86 4.89 -4.30
C VAL B 30 11.91 4.27 -5.20
N VAL B 31 11.81 4.51 -6.51
CA VAL B 31 12.67 3.82 -7.47
C VAL B 31 14.04 4.49 -7.55
N GLU B 32 14.07 5.77 -7.89
CA GLU B 32 15.34 6.44 -8.16
C GLU B 32 16.11 6.70 -6.87
N LEU B 33 15.42 7.14 -5.82
CA LEU B 33 16.10 7.53 -4.59
C LEU B 33 16.32 6.36 -3.64
N CYS B 34 15.29 5.54 -3.41
CA CYS B 34 15.41 4.47 -2.42
C CYS B 34 16.04 3.20 -2.98
N VAL B 35 15.71 2.84 -4.22
CA VAL B 35 16.19 1.59 -4.80
C VAL B 35 17.52 1.79 -5.53
N PHE B 36 17.62 2.82 -6.37
CA PHE B 36 18.83 3.02 -7.16
C PHE B 36 19.92 3.74 -6.39
N THR B 37 19.56 4.62 -5.47
CA THR B 37 20.54 5.47 -4.78
C THR B 37 20.84 4.98 -3.37
N ILE B 38 19.84 4.91 -2.50
CA ILE B 38 20.08 4.56 -1.10
C ILE B 38 20.36 3.08 -0.93
N PHE B 39 19.65 2.22 -1.68
CA PHE B 39 19.92 0.79 -1.59
C PHE B 39 21.22 0.43 -2.29
N GLY B 40 21.62 1.20 -3.30
CA GLY B 40 22.94 1.05 -3.90
C GLY B 40 24.08 1.48 -3.02
N ASN B 41 23.80 2.05 -1.85
CA ASN B 41 24.80 2.46 -0.88
C ASN B 41 24.95 1.47 0.27
N GLU B 42 24.35 0.27 0.13
CA GLU B 42 24.45 -0.79 1.13
C GLU B 42 23.89 -0.35 2.48
N GLU B 43 22.89 0.53 2.47
CA GLU B 43 22.22 0.98 3.68
C GLU B 43 20.81 0.38 3.71
N ASN B 44 20.76 -0.93 3.99
CA ASN B 44 19.48 -1.63 4.01
C ASN B 44 18.57 -1.11 5.11
N GLY B 45 19.14 -0.69 6.24
CA GLY B 45 18.32 -0.16 7.32
C GLY B 45 17.59 1.11 6.93
N LYS B 46 18.31 2.09 6.38
CA LYS B 46 17.69 3.35 6.00
C LYS B 46 16.71 3.17 4.85
N THR B 47 17.00 2.24 3.93
CA THR B 47 16.10 2.03 2.79
C THR B 47 14.73 1.54 3.25
N VAL B 48 14.70 0.59 4.17
CA VAL B 48 13.43 0.06 4.64
C VAL B 48 12.69 1.11 5.46
N VAL B 49 13.40 1.84 6.31
CA VAL B 49 12.77 2.87 7.12
C VAL B 49 12.19 3.96 6.25
N TYR B 50 12.97 4.44 5.27
CA TYR B 50 12.49 5.49 4.38
C TYR B 50 11.30 5.02 3.56
N LEU B 51 11.33 3.78 3.07
CA LEU B 51 10.23 3.28 2.26
C LEU B 51 8.95 3.15 3.09
N VAL B 52 9.08 2.66 4.33
CA VAL B 52 7.91 2.53 5.19
C VAL B 52 7.36 3.90 5.57
N ALA B 53 8.24 4.79 6.03
CA ALA B 53 7.80 6.13 6.42
C ALA B 53 7.19 6.87 5.23
N PHE B 54 7.81 6.77 4.05
CA PHE B 54 7.28 7.44 2.86
C PHE B 54 5.87 6.96 2.55
N HIS B 55 5.63 5.65 2.64
CA HIS B 55 4.30 5.14 2.32
C HIS B 55 3.27 5.62 3.33
N LEU B 56 3.69 5.89 4.57
CA LEU B 56 2.76 6.47 5.54
C LEU B 56 2.36 7.89 5.13
N PHE B 57 3.34 8.74 4.82
CA PHE B 57 3.03 10.09 4.39
C PHE B 57 2.30 10.11 3.06
N PHE B 58 2.71 9.24 2.12
CA PHE B 58 2.08 9.21 0.81
C PHE B 58 0.61 8.81 0.90
N VAL B 59 0.29 7.88 1.81
CA VAL B 59 -1.09 7.42 1.93
C VAL B 59 -1.96 8.53 2.53
N MET B 60 -1.51 9.13 3.64
CA MET B 60 -2.28 10.20 4.26
C MET B 60 -2.41 11.41 3.35
N PHE B 61 -1.43 11.63 2.48
CA PHE B 61 -1.50 12.78 1.57
C PHE B 61 -2.55 12.54 0.49
N VAL B 62 -2.48 11.39 -0.20
CA VAL B 62 -3.42 11.13 -1.28
C VAL B 62 -4.84 10.96 -0.76
N TRP B 63 -4.99 10.47 0.47
CA TRP B 63 -6.32 10.31 1.06
C TRP B 63 -6.98 11.67 1.28
N SER B 64 -6.23 12.62 1.85
CA SER B 64 -6.78 13.94 2.09
C SER B 64 -7.06 14.66 0.78
N TYR B 65 -6.17 14.53 -0.20
CA TYR B 65 -6.38 15.16 -1.50
C TYR B 65 -7.62 14.60 -2.18
N TRP B 66 -7.82 13.28 -2.09
CA TRP B 66 -9.01 12.67 -2.69
C TRP B 66 -10.28 13.18 -2.02
N MET B 67 -10.29 13.24 -0.70
CA MET B 67 -11.49 13.71 0.01
C MET B 67 -11.75 15.20 -0.25
N THR B 68 -10.70 15.98 -0.45
CA THR B 68 -10.90 17.40 -0.74
C THR B 68 -11.49 17.61 -2.13
N ILE B 69 -11.21 16.68 -3.06
CA ILE B 69 -11.69 16.84 -4.42
C ILE B 69 -13.13 16.38 -4.56
N PHE B 70 -13.44 15.19 -4.05
CA PHE B 70 -14.69 14.51 -4.36
C PHE B 70 -15.76 14.68 -3.28
N THR B 71 -15.48 15.43 -2.22
CA THR B 71 -16.51 15.80 -1.25
C THR B 71 -17.32 16.95 -1.83
N SER B 72 -18.53 16.67 -2.27
CA SER B 72 -19.37 17.70 -2.86
C SER B 72 -19.70 18.76 -1.83
N PRO B 73 -19.64 20.05 -2.19
CA PRO B 73 -19.92 21.10 -1.21
C PRO B 73 -21.39 21.12 -0.84
N ALA B 74 -21.65 21.34 0.44
CA ALA B 74 -23.03 21.34 0.94
C ALA B 74 -23.77 22.57 0.44
N SER B 75 -25.02 22.37 0.04
CA SER B 75 -25.90 23.42 -0.43
C SER B 75 -26.97 23.73 0.61
N PRO B 76 -27.58 24.91 0.53
CA PRO B 76 -28.65 25.24 1.49
C PRO B 76 -29.81 24.26 1.40
N SER B 77 -30.48 24.04 2.52
CA SER B 77 -31.62 23.13 2.57
C SER B 77 -32.78 23.69 1.74
N LYS B 78 -33.76 22.83 1.48
CA LYS B 78 -34.91 23.25 0.69
C LYS B 78 -35.80 24.23 1.45
N GLU B 79 -35.70 24.28 2.78
CA GLU B 79 -36.48 25.24 3.55
C GLU B 79 -36.04 26.68 3.27
N PHE B 80 -34.78 26.87 2.87
CA PHE B 80 -34.28 28.20 2.57
C PHE B 80 -34.76 28.71 1.22
N TYR B 81 -35.09 27.81 0.30
CA TYR B 81 -35.55 28.21 -1.02
C TYR B 81 -36.90 28.91 -0.93
N LEU B 82 -37.11 29.90 -1.81
CA LEU B 82 -38.40 30.56 -1.89
C LEU B 82 -39.43 29.61 -2.48
N SER B 83 -40.58 29.50 -1.83
CA SER B 83 -41.66 28.67 -2.35
C SER B 83 -42.25 29.30 -3.61
N ASN B 84 -42.90 28.44 -4.42
CA ASN B 84 -43.47 28.91 -5.69
C ASN B 84 -44.50 30.01 -5.47
N SER B 85 -45.14 30.04 -4.29
CA SER B 85 -46.03 31.15 -3.97
C SER B 85 -45.24 32.44 -3.71
N GLU B 86 -44.13 32.32 -2.96
CA GLU B 86 -43.31 33.49 -2.67
C GLU B 86 -42.52 33.95 -3.89
N LYS B 87 -42.19 33.03 -4.80
CA LYS B 87 -41.46 33.42 -6.00
C LYS B 87 -42.29 34.33 -6.90
N GLU B 88 -43.59 34.06 -7.01
CA GLU B 88 -44.42 34.91 -7.86
C GLU B 88 -44.63 36.30 -7.26
N ARG B 89 -44.99 36.36 -5.96
CA ARG B 89 -45.17 37.68 -5.35
C ARG B 89 -43.90 38.50 -5.40
N TYR B 90 -42.75 37.83 -5.37
CA TYR B 90 -41.49 38.53 -5.45
C TYR B 90 -41.26 39.05 -6.87
N GLU B 91 -41.53 38.21 -7.87
CA GLU B 91 -41.39 38.64 -9.26
C GLU B 91 -42.48 39.62 -9.68
N LYS B 92 -43.62 39.61 -8.99
CA LYS B 92 -44.69 40.54 -9.32
C LYS B 92 -44.34 41.96 -8.85
N GLU B 93 -43.77 42.09 -7.67
CA GLU B 93 -43.54 43.40 -7.09
C GLU B 93 -42.44 44.14 -7.83
N PHE B 94 -42.60 45.47 -7.91
CA PHE B 94 -41.64 46.33 -8.58
C PHE B 94 -40.94 47.29 -7.63
N SER B 95 -41.42 47.43 -6.41
CA SER B 95 -40.81 48.33 -5.43
C SER B 95 -39.80 47.54 -4.59
N GLN B 96 -38.54 47.98 -4.62
CA GLN B 96 -37.50 47.30 -3.85
C GLN B 96 -37.70 47.39 -2.35
N GLU B 97 -38.57 48.29 -1.88
CA GLU B 97 -38.86 48.37 -0.44
C GLU B 97 -39.80 47.24 0.00
N ARG B 98 -40.84 46.97 -0.79
CA ARG B 98 -41.72 45.84 -0.50
C ARG B 98 -41.07 44.51 -0.84
N GLN B 99 -40.10 44.50 -1.75
CA GLN B 99 -39.37 43.27 -2.04
C GLN B 99 -38.60 42.79 -0.81
N GLN B 100 -37.98 43.71 -0.08
CA GLN B 100 -37.29 43.33 1.15
C GLN B 100 -38.26 42.85 2.21
N GLU B 101 -39.48 43.42 2.24
CA GLU B 101 -40.47 42.98 3.21
C GLU B 101 -40.91 41.55 2.95
N ILE B 102 -40.83 41.11 1.69
CA ILE B 102 -41.13 39.70 1.38
C ILE B 102 -40.01 38.81 1.87
N LEU B 103 -38.75 39.21 1.61
CA LEU B 103 -37.62 38.42 2.05
C LEU B 103 -37.48 38.45 3.57
N ARG B 104 -37.79 39.60 4.19
CA ARG B 104 -37.69 39.71 5.64
C ARG B 104 -38.71 38.82 6.33
N ARG B 105 -39.88 38.63 5.72
CA ARG B 105 -40.91 37.77 6.31
C ARG B 105 -40.45 36.31 6.34
N ALA B 106 -39.80 35.86 5.27
CA ALA B 106 -39.33 34.48 5.22
C ALA B 106 -38.09 34.28 6.08
N ALA B 107 -37.20 35.28 6.13
CA ALA B 107 -35.95 35.12 6.86
C ALA B 107 -36.18 34.99 8.35
N ARG B 108 -37.24 35.60 8.88
CA ARG B 108 -37.52 35.49 10.31
C ARG B 108 -38.02 34.11 10.71
N ALA B 109 -38.42 33.27 9.75
CA ALA B 109 -38.72 31.87 10.02
C ALA B 109 -37.51 30.96 9.80
N LEU B 110 -36.33 31.53 9.60
CA LEU B 110 -35.12 30.79 9.33
C LEU B 110 -34.03 31.22 10.30
N PRO B 111 -33.10 30.32 10.65
CA PRO B 111 -32.02 30.68 11.57
C PRO B 111 -31.01 31.61 10.92
N ILE B 112 -31.41 32.85 10.69
CA ILE B 112 -30.59 33.85 10.02
C ILE B 112 -30.30 34.97 11.01
N TYR B 113 -29.02 35.25 11.22
CA TYR B 113 -28.61 36.32 12.12
C TYR B 113 -27.74 37.38 11.45
N THR B 114 -27.52 37.26 10.14
CA THR B 114 -26.69 38.20 9.39
C THR B 114 -27.49 38.83 8.27
N THR B 115 -27.03 40.00 7.84
CA THR B 115 -27.56 40.71 6.68
C THR B 115 -26.39 41.14 5.81
N SER B 116 -26.70 41.88 4.75
CA SER B 116 -25.65 42.44 3.91
C SER B 116 -25.08 43.69 4.58
N ALA B 117 -24.13 44.33 3.91
CA ALA B 117 -23.57 45.56 4.45
C ALA B 117 -24.62 46.66 4.56
N SER B 118 -25.68 46.59 3.74
CA SER B 118 -26.76 47.57 3.76
C SER B 118 -27.94 47.10 4.59
N LYS B 119 -27.73 46.17 5.51
CA LYS B 119 -28.77 45.67 6.42
C LYS B 119 -29.96 45.08 5.66
N THR B 120 -29.72 44.55 4.46
CA THR B 120 -30.76 43.91 3.68
C THR B 120 -30.62 42.39 3.77
N ILE B 121 -31.72 41.70 3.48
CA ILE B 121 -31.73 40.25 3.53
C ILE B 121 -30.80 39.68 2.46
N ARG B 122 -29.91 38.79 2.87
CA ARG B 122 -28.99 38.14 1.94
C ARG B 122 -29.76 37.16 1.06
N TYR B 123 -29.89 37.49 -0.23
CA TYR B 123 -30.70 36.73 -1.16
C TYR B 123 -29.91 36.47 -2.43
N CYS B 124 -30.08 35.28 -3.00
CA CYS B 124 -29.37 34.85 -4.19
C CYS B 124 -30.32 34.84 -5.36
N GLU B 125 -30.06 35.71 -6.35
CA GLU B 125 -30.95 35.82 -7.49
C GLU B 125 -30.89 34.59 -8.39
N LYS B 126 -29.69 34.02 -8.55
CA LYS B 126 -29.53 32.86 -9.42
C LYS B 126 -30.23 31.64 -8.84
N CYS B 127 -29.91 31.28 -7.60
CA CYS B 127 -30.49 30.10 -6.97
C CYS B 127 -31.92 30.34 -6.50
N GLN B 128 -32.35 31.60 -6.39
CA GLN B 128 -33.69 31.96 -5.90
C GLN B 128 -33.93 31.39 -4.51
N LEU B 129 -32.94 31.55 -3.63
CA LEU B 129 -33.02 31.11 -2.24
C LEU B 129 -32.50 32.21 -1.33
N ILE B 130 -32.81 32.08 -0.05
CA ILE B 130 -32.29 32.99 0.96
C ILE B 130 -31.01 32.40 1.52
N LYS B 131 -29.90 33.11 1.35
CA LYS B 131 -28.59 32.63 1.74
C LYS B 131 -28.53 32.36 3.24
N PRO B 132 -28.17 31.14 3.67
CA PRO B 132 -27.88 30.92 5.08
C PRO B 132 -26.66 31.73 5.52
N ASP B 133 -26.44 31.77 6.84
CA ASP B 133 -25.29 32.48 7.36
C ASP B 133 -24.00 31.86 6.85
N ARG B 134 -23.01 32.71 6.58
CA ARG B 134 -21.69 32.30 6.12
C ARG B 134 -21.73 31.62 4.75
N ALA B 135 -22.90 31.56 4.13
CA ALA B 135 -23.06 30.94 2.82
C ALA B 135 -22.95 31.99 1.72
N HIS B 136 -22.22 31.64 0.66
CA HIS B 136 -22.03 32.55 -0.45
C HIS B 136 -22.18 31.78 -1.75
N HIS B 137 -22.46 32.51 -2.83
CA HIS B 137 -22.63 31.93 -4.14
C HIS B 137 -21.33 31.96 -4.93
N CYS B 138 -21.08 30.89 -5.68
CA CYS B 138 -19.87 30.76 -6.49
C CYS B 138 -20.28 30.48 -7.93
N SER B 139 -19.89 31.38 -8.84
CA SER B 139 -20.26 31.21 -10.24
C SER B 139 -19.52 30.06 -10.91
N ALA B 140 -18.43 29.57 -10.31
CA ALA B 140 -17.76 28.40 -10.84
C ALA B 140 -18.51 27.12 -10.48
N CYS B 141 -18.94 26.99 -9.23
CA CYS B 141 -19.77 25.87 -8.81
C CYS B 141 -21.23 26.05 -9.23
N ASP B 142 -21.63 27.28 -9.56
CA ASP B 142 -23.02 27.60 -9.92
C ASP B 142 -24.00 27.13 -8.85
N SER B 143 -23.65 27.40 -7.59
CA SER B 143 -24.45 26.99 -6.45
C SER B 143 -23.98 27.74 -5.22
N CYS B 144 -24.84 27.80 -4.22
CA CYS B 144 -24.48 28.41 -2.94
C CYS B 144 -23.76 27.38 -2.07
N ILE B 145 -22.68 27.80 -1.43
CA ILE B 145 -21.81 26.90 -0.68
C ILE B 145 -21.91 27.28 0.79
N LEU B 146 -22.32 26.32 1.62
CA LEU B 146 -22.46 26.57 3.05
C LEU B 146 -21.08 26.81 3.67
N LYS B 147 -20.98 27.85 4.49
CA LYS B 147 -19.73 28.30 5.09
C LYS B 147 -18.60 28.30 4.05
N MET B 148 -18.88 28.95 2.93
CA MET B 148 -17.92 28.98 1.83
C MET B 148 -16.65 29.70 2.25
N ASP B 149 -15.50 29.10 1.91
CA ASP B 149 -14.20 29.68 2.21
C ASP B 149 -13.56 30.28 0.96
N HIS B 150 -13.39 29.47 -0.08
CA HIS B 150 -12.87 29.92 -1.37
C HIS B 150 -13.00 28.77 -2.36
N HIS B 151 -12.92 29.12 -3.65
CA HIS B 151 -12.94 28.14 -4.73
C HIS B 151 -11.49 27.85 -5.13
N CYS B 152 -10.95 26.76 -4.61
CA CYS B 152 -9.58 26.37 -4.94
C CYS B 152 -9.56 25.65 -6.28
N PRO B 153 -8.83 26.16 -7.29
CA PRO B 153 -8.81 25.48 -8.59
C PRO B 153 -7.96 24.22 -8.59
N TRP B 154 -7.02 24.08 -7.65
CA TRP B 154 -6.15 22.92 -7.62
C TRP B 154 -6.87 21.65 -7.19
N VAL B 155 -8.07 21.77 -6.62
CA VAL B 155 -8.93 20.63 -6.36
C VAL B 155 -10.18 20.64 -7.22
N ASN B 156 -10.35 21.65 -8.07
CA ASN B 156 -11.53 21.81 -8.92
C ASN B 156 -12.82 21.81 -8.12
N ASN B 157 -12.74 22.13 -6.83
CA ASN B 157 -13.89 22.13 -5.94
C ASN B 157 -13.88 23.39 -5.10
N CYS B 158 -14.94 23.58 -4.33
CA CYS B 158 -15.05 24.69 -3.41
C CYS B 158 -14.73 24.21 -2.00
N VAL B 159 -13.98 25.02 -1.25
CA VAL B 159 -13.68 24.73 0.15
C VAL B 159 -14.82 25.33 0.98
N GLY B 160 -15.69 24.47 1.51
CA GLY B 160 -16.85 24.92 2.25
C GLY B 160 -16.99 24.17 3.56
N PHE B 161 -18.23 24.11 4.03
CA PHE B 161 -18.52 23.48 5.32
C PHE B 161 -18.15 22.00 5.31
N SER B 162 -18.35 21.32 4.17
CA SER B 162 -18.02 19.91 4.09
C SER B 162 -16.53 19.67 3.84
N ASN B 163 -15.90 20.54 3.04
CA ASN B 163 -14.53 20.33 2.60
C ASN B 163 -13.48 20.84 3.57
N TYR B 164 -13.83 21.73 4.49
CA TYR B 164 -12.83 22.55 5.18
C TYR B 164 -11.80 21.68 5.91
N LYS B 165 -12.27 20.78 6.79
CA LYS B 165 -11.33 19.97 7.55
C LYS B 165 -10.49 19.09 6.63
N PHE B 166 -11.08 18.61 5.53
CA PHE B 166 -10.29 17.86 4.56
C PHE B 166 -9.27 18.77 3.89
N PHE B 167 -9.67 19.98 3.51
CA PHE B 167 -8.74 20.93 2.92
C PHE B 167 -7.60 21.25 3.89
N LEU B 168 -7.92 21.44 5.17
CA LEU B 168 -6.89 21.70 6.16
C LEU B 168 -5.94 20.51 6.29
N LEU B 169 -6.50 19.30 6.41
CA LEU B 169 -5.67 18.11 6.46
C LEU B 169 -4.89 17.92 5.16
N PHE B 170 -5.48 18.30 4.02
CA PHE B 170 -4.73 18.27 2.77
C PHE B 170 -3.52 19.18 2.81
N LEU B 171 -3.70 20.40 3.33
CA LEU B 171 -2.55 21.28 3.52
C LEU B 171 -1.56 20.71 4.51
N LEU B 172 -2.06 20.17 5.63
CA LEU B 172 -1.20 19.58 6.66
C LEU B 172 -0.32 18.49 6.08
N TYR B 173 -0.93 17.44 5.51
CA TYR B 173 -0.17 16.32 4.97
C TYR B 173 0.63 16.69 3.73
N SER B 174 0.34 17.84 3.10
CA SER B 174 1.19 18.29 1.99
C SER B 174 2.53 18.80 2.49
N LEU B 175 2.53 19.55 3.58
CA LEU B 175 3.78 20.03 4.16
C LEU B 175 4.62 18.88 4.69
N LEU B 176 4.00 17.95 5.41
CA LEU B 176 4.73 16.82 5.97
C LEU B 176 5.32 15.95 4.86
N TYR B 177 4.55 15.71 3.79
CA TYR B 177 5.06 14.95 2.67
C TYR B 177 6.29 15.62 2.06
N CYS B 178 6.23 16.94 1.87
CA CYS B 178 7.37 17.64 1.28
C CYS B 178 8.52 17.73 2.28
N LEU B 179 8.21 17.99 3.56
CA LEU B 179 9.25 18.05 4.57
C LEU B 179 9.99 16.72 4.68
N PHE B 180 9.26 15.61 4.66
CA PHE B 180 9.91 14.30 4.73
C PHE B 180 10.77 14.05 3.49
N VAL B 181 10.29 14.47 2.32
CA VAL B 181 11.08 14.31 1.11
C VAL B 181 12.33 15.19 1.17
N ALA B 182 12.17 16.47 1.48
CA ALA B 182 13.31 17.37 1.51
C ALA B 182 14.33 16.96 2.57
N ALA B 183 13.86 16.58 3.77
CA ALA B 183 14.78 16.23 4.84
C ALA B 183 15.56 14.96 4.55
N THR B 184 14.98 14.05 3.76
CA THR B 184 15.67 12.80 3.46
C THR B 184 16.49 12.88 2.17
N VAL B 185 15.99 13.59 1.16
CA VAL B 185 16.74 13.78 -0.08
C VAL B 185 17.91 14.73 0.11
N LEU B 186 17.85 15.60 1.14
CA LEU B 186 18.89 16.60 1.33
C LEU B 186 20.28 15.97 1.42
N GLU B 187 20.43 14.96 2.27
CA GLU B 187 21.73 14.32 2.43
C GLU B 187 22.25 13.73 1.13
N TYR B 188 21.35 13.33 0.24
CA TYR B 188 21.73 12.85 -1.08
C TYR B 188 21.69 13.94 -2.14
N PHE B 189 20.95 15.02 -1.90
CA PHE B 189 21.02 16.18 -2.77
C PHE B 189 22.39 16.84 -2.70
N ILE B 190 23.07 16.74 -1.55
CA ILE B 190 24.44 17.22 -1.42
C ILE B 190 25.36 16.48 -2.38
N LYS B 191 25.12 15.17 -2.56
CA LYS B 191 26.08 14.33 -3.29
C LYS B 191 26.13 14.68 -4.78
N PHE B 192 24.96 14.77 -5.42
CA PHE B 192 24.93 14.92 -6.87
C PHE B 192 25.55 16.25 -7.32
N TRP B 193 25.49 17.28 -6.49
CA TRP B 193 26.11 18.55 -6.89
C TRP B 193 27.62 18.50 -6.72
N THR B 194 28.10 17.93 -5.62
CA THR B 194 29.54 17.80 -5.39
C THR B 194 30.12 16.55 -6.03
N ASN B 195 29.37 15.88 -6.90
CA ASN B 195 29.85 14.77 -7.72
C ASN B 195 30.35 13.60 -6.87
N GLU B 196 29.58 13.26 -5.84
CA GLU B 196 29.81 12.00 -5.14
C GLU B 196 28.98 10.87 -5.75
N LEU B 197 27.78 11.18 -6.21
CA LEU B 197 26.95 10.26 -6.97
C LEU B 197 26.72 10.87 -8.35
N THR B 198 26.95 10.06 -9.39
CA THR B 198 26.99 10.59 -10.75
C THR B 198 26.07 9.83 -11.71
N ASP B 199 25.03 9.16 -11.19
CA ASP B 199 24.12 8.44 -12.06
C ASP B 199 23.33 9.42 -12.93
N THR B 200 23.13 9.04 -14.19
CA THR B 200 22.47 9.93 -15.14
C THR B 200 21.00 10.13 -14.79
N ARG B 201 20.24 9.04 -14.71
CA ARG B 201 18.79 9.16 -14.49
C ARG B 201 18.49 9.62 -13.07
N ALA B 202 19.19 9.07 -12.08
CA ALA B 202 18.91 9.41 -10.68
C ALA B 202 19.22 10.87 -10.38
N LYS B 203 20.17 11.47 -11.10
CA LYS B 203 20.51 12.87 -10.86
C LYS B 203 19.33 13.79 -11.19
N PHE B 204 18.69 13.55 -12.34
CA PHE B 204 17.55 14.37 -12.73
C PHE B 204 16.42 14.28 -11.71
N HIS B 205 16.15 13.08 -11.19
CA HIS B 205 15.00 12.88 -10.31
C HIS B 205 15.29 13.35 -8.89
N VAL B 206 16.46 13.01 -8.36
CA VAL B 206 16.80 13.40 -6.98
C VAL B 206 16.89 14.93 -6.87
N LEU B 207 17.52 15.58 -7.85
CA LEU B 207 17.59 17.04 -7.84
C LEU B 207 16.22 17.67 -7.95
N PHE B 208 15.42 17.21 -8.92
CA PHE B 208 14.06 17.74 -9.08
C PHE B 208 13.19 17.44 -7.87
N LEU B 209 13.41 16.30 -7.22
CA LEU B 209 12.66 15.97 -6.02
C LEU B 209 12.84 17.03 -4.94
N PHE B 210 14.08 17.41 -4.67
CA PHE B 210 14.34 18.40 -3.63
C PHE B 210 13.79 19.77 -4.02
N PHE B 211 14.02 20.20 -5.26
CA PHE B 211 13.52 21.50 -5.70
C PHE B 211 12.00 21.56 -5.62
N VAL B 212 11.31 20.58 -6.20
CA VAL B 212 9.85 20.61 -6.23
C VAL B 212 9.28 20.51 -4.83
N SER B 213 9.82 19.61 -4.00
CA SER B 213 9.33 19.48 -2.64
C SER B 213 9.57 20.76 -1.83
N ALA B 214 10.76 21.35 -1.96
CA ALA B 214 11.05 22.57 -1.22
C ALA B 214 10.20 23.74 -1.71
N MET B 215 10.01 23.84 -3.04
CA MET B 215 9.21 24.95 -3.57
C MET B 215 7.74 24.81 -3.21
N PHE B 216 7.25 23.59 -3.01
CA PHE B 216 5.88 23.43 -2.53
C PHE B 216 5.75 23.67 -1.04
N PHE B 217 6.80 23.35 -0.27
CA PHE B 217 6.76 23.60 1.17
C PHE B 217 6.69 25.10 1.45
N ILE B 218 7.51 25.88 0.74
CA ILE B 218 7.58 27.32 0.99
C ILE B 218 6.26 28.00 0.61
N SER B 219 5.55 27.47 -0.40
CA SER B 219 4.28 28.08 -0.81
C SER B 219 3.14 27.69 0.14
N VAL B 220 3.01 26.41 0.46
CA VAL B 220 1.84 25.95 1.22
C VAL B 220 1.96 26.34 2.68
N LEU B 221 3.18 26.45 3.21
CA LEU B 221 3.34 26.80 4.62
C LEU B 221 2.74 28.17 4.91
N SER B 222 2.88 29.12 3.98
CA SER B 222 2.24 30.42 4.15
C SER B 222 0.72 30.28 4.14
N LEU B 223 0.20 29.46 3.23
CA LEU B 223 -1.24 29.24 3.17
C LEU B 223 -1.73 28.47 4.39
N PHE B 224 -0.95 27.50 4.86
CA PHE B 224 -1.35 26.71 6.01
C PHE B 224 -1.39 27.54 7.28
N SER B 225 -0.39 28.40 7.48
CA SER B 225 -0.38 29.26 8.67
C SER B 225 -1.53 30.26 8.65
N TYR B 226 -1.98 30.67 7.46
CA TYR B 226 -3.11 31.59 7.38
C TYR B 226 -4.38 30.94 7.94
N HIS B 227 -4.67 29.71 7.50
CA HIS B 227 -5.93 29.07 7.91
C HIS B 227 -5.90 28.65 9.36
N CYS B 228 -4.71 28.35 9.90
CA CYS B 228 -4.62 28.05 11.34
C CYS B 228 -5.07 29.23 12.17
N TRP B 229 -4.81 30.46 11.69
CA TRP B 229 -5.33 31.64 12.34
C TRP B 229 -6.83 31.77 12.11
N LEU B 230 -7.29 31.51 10.88
CA LEU B 230 -8.70 31.62 10.57
C LEU B 230 -9.55 30.66 11.41
N VAL B 231 -9.07 29.43 11.60
CA VAL B 231 -9.82 28.45 12.38
C VAL B 231 -9.94 28.91 13.83
N GLY B 232 -8.86 29.47 14.38
CA GLY B 232 -8.92 29.99 15.73
C GLY B 232 -9.84 31.20 15.86
N LYS B 233 -10.01 31.95 14.77
CA LYS B 233 -10.90 33.10 14.76
C LYS B 233 -12.31 32.78 14.28
N ASN B 234 -12.55 31.55 13.82
CA ASN B 234 -13.84 31.15 13.28
C ASN B 234 -14.28 32.08 12.16
N ARG B 235 -13.37 32.32 11.22
CA ARG B 235 -13.60 33.19 10.08
C ARG B 235 -13.25 32.45 8.80
N THR B 236 -14.17 32.44 7.85
CA THR B 236 -13.82 31.97 6.51
C THR B 236 -12.95 33.02 5.83
N THR B 237 -12.33 32.61 4.71
CA THR B 237 -11.47 33.54 3.99
C THR B 237 -12.24 34.77 3.54
N ILE B 238 -13.51 34.59 3.16
CA ILE B 238 -14.34 35.73 2.77
C ILE B 238 -14.61 36.63 3.97
N GLU B 239 -14.95 36.02 5.12
CA GLU B 239 -15.25 36.80 6.31
C GLU B 239 -14.01 37.51 6.84
N SER B 240 -12.82 37.01 6.56
CA SER B 240 -11.59 37.68 6.98
C SER B 240 -11.29 38.92 6.14
N PHE B 241 -11.98 39.09 5.02
CA PHE B 241 -11.82 40.27 4.17
C PHE B 241 -12.99 41.25 4.27
N ARG B 242 -14.20 40.75 4.51
CA ARG B 242 -15.38 41.59 4.71
C ARG B 242 -16.12 41.06 5.93
N ALA B 243 -16.11 41.84 7.02
CA ALA B 243 -16.73 41.40 8.26
C ALA B 243 -18.23 41.25 8.07
N PRO B 244 -18.83 40.19 8.63
CA PRO B 244 -20.28 40.02 8.51
C PRO B 244 -21.04 41.08 9.29
N THR B 245 -22.18 41.49 8.75
CA THR B 245 -23.02 42.50 9.36
C THR B 245 -24.15 41.81 10.12
N PHE B 246 -24.19 42.01 11.43
CA PHE B 246 -25.21 41.43 12.29
C PHE B 246 -26.29 42.47 12.57
N SER B 247 -27.20 42.14 13.49
CA SER B 247 -28.23 43.09 13.88
C SER B 247 -27.64 44.29 14.60
N TYR B 248 -26.51 44.12 15.27
CA TYR B 248 -25.85 45.20 15.99
C TYR B 248 -24.70 45.83 15.22
N GLY B 249 -24.58 45.53 13.93
CA GLY B 249 -23.53 46.11 13.12
C GLY B 249 -22.45 45.12 12.78
N PRO B 250 -21.45 45.56 11.99
CA PRO B 250 -20.38 44.64 11.59
C PRO B 250 -19.58 44.15 12.78
N ASP B 251 -19.24 42.86 12.75
CA ASP B 251 -18.45 42.23 13.79
C ASP B 251 -17.53 41.21 13.14
N GLY B 252 -16.22 41.38 13.32
CA GLY B 252 -15.27 40.42 12.82
C GLY B 252 -15.18 39.14 13.63
N ASN B 253 -15.64 39.18 14.87
CA ASN B 253 -15.64 38.01 15.74
C ASN B 253 -17.06 37.59 16.12
N GLY B 254 -18.01 37.84 15.22
CA GLY B 254 -19.40 37.51 15.51
C GLY B 254 -19.65 36.02 15.62
N PHE B 255 -18.84 35.21 14.97
CA PHE B 255 -18.96 33.75 15.03
C PHE B 255 -17.95 33.11 15.96
N SER B 256 -17.06 33.89 16.57
CA SER B 256 -16.03 33.33 17.44
C SER B 256 -16.64 32.85 18.75
N LEU B 257 -16.25 31.65 19.18
CA LEU B 257 -16.71 31.07 20.43
C LEU B 257 -15.53 30.72 21.33
N GLY B 258 -14.41 31.40 21.15
CA GLY B 258 -13.19 31.01 21.84
C GLY B 258 -12.34 30.10 20.99
N ALA B 259 -11.03 30.16 21.22
CA ALA B 259 -10.09 29.42 20.40
C ALA B 259 -10.33 27.91 20.49
N SER B 260 -10.58 27.41 21.71
CA SER B 260 -10.77 25.97 21.88
C SER B 260 -12.04 25.48 21.18
N LYS B 261 -13.16 26.17 21.41
CA LYS B 261 -14.42 25.74 20.81
C LYS B 261 -14.48 26.02 19.32
N ASN B 262 -13.63 26.92 18.80
CA ASN B 262 -13.63 27.19 17.36
C ASN B 262 -12.99 26.04 16.58
N TRP B 263 -11.88 25.49 17.08
CA TRP B 263 -11.28 24.32 16.43
C TRP B 263 -12.22 23.13 16.49
N ARG B 264 -12.96 22.97 17.60
CA ARG B 264 -13.89 21.86 17.73
C ARG B 264 -15.04 21.95 16.73
N GLN B 265 -15.32 23.14 16.20
CA GLN B 265 -16.34 23.26 15.16
C GLN B 265 -15.91 22.58 13.87
N VAL B 266 -14.60 22.55 13.60
CA VAL B 266 -14.09 21.95 12.37
C VAL B 266 -13.71 20.48 12.57
N PHE B 267 -12.93 20.20 13.62
CA PHE B 267 -12.36 18.87 13.81
C PHE B 267 -13.21 17.97 14.71
N GLY B 268 -14.06 18.53 15.55
CA GLY B 268 -14.93 17.74 16.40
C GLY B 268 -14.34 17.49 17.78
N ASP B 269 -15.07 16.71 18.56
CA ASP B 269 -14.66 16.42 19.93
C ASP B 269 -13.84 15.15 20.06
N GLU B 270 -14.00 14.20 19.13
CA GLU B 270 -13.26 12.95 19.17
C GLU B 270 -11.89 13.14 18.54
N LYS B 271 -10.83 12.98 19.35
CA LYS B 271 -9.48 13.25 18.86
C LYS B 271 -9.07 12.28 17.76
N LYS B 272 -9.62 11.06 17.74
CA LYS B 272 -9.21 10.08 16.76
C LYS B 272 -9.56 10.51 15.34
N TYR B 273 -10.55 11.38 15.17
CA TYR B 273 -10.95 11.86 13.85
C TYR B 273 -10.29 13.18 13.47
N TRP B 274 -9.41 13.71 14.33
CA TRP B 274 -8.84 15.02 14.07
C TRP B 274 -7.89 14.99 12.88
N LEU B 275 -7.08 13.95 12.77
CA LEU B 275 -6.08 13.83 11.71
C LEU B 275 -6.57 12.98 10.54
N LEU B 276 -7.75 12.38 10.64
CA LEU B 276 -8.21 11.52 9.56
C LEU B 276 -9.16 12.26 8.64
N PRO B 277 -9.01 12.11 7.32
CA PRO B 277 -9.93 12.78 6.38
C PRO B 277 -11.33 12.18 6.41
N ILE B 278 -11.98 12.21 7.56
CA ILE B 278 -13.34 11.72 7.74
C ILE B 278 -14.14 12.86 8.36
N PHE B 279 -15.33 13.10 7.83
CA PHE B 279 -16.12 14.26 8.24
C PHE B 279 -16.43 14.19 9.72
N SER B 280 -15.90 15.16 10.48
CA SER B 280 -16.16 15.26 11.91
C SER B 280 -16.50 16.69 12.32
N SER B 281 -16.98 17.51 11.38
CA SER B 281 -17.32 18.89 11.68
C SER B 281 -18.70 18.98 12.33
N LEU B 282 -18.83 19.90 13.29
CA LEU B 282 -20.09 20.06 14.00
C LEU B 282 -21.05 20.94 13.21
N GLY B 283 -22.32 20.83 13.56
CA GLY B 283 -23.35 21.60 12.89
C GLY B 283 -23.77 21.01 11.56
N ASP B 284 -24.60 21.77 10.85
CA ASP B 284 -25.13 21.36 9.56
C ASP B 284 -24.76 22.29 8.42
N GLY B 285 -24.10 23.42 8.69
CA GLY B 285 -23.70 24.35 7.66
C GLY B 285 -24.72 25.41 7.32
N CYS B 286 -25.97 25.23 7.74
CA CYS B 286 -27.01 26.23 7.50
C CYS B 286 -27.20 27.18 8.67
N SER B 287 -26.69 26.85 9.85
CA SER B 287 -26.75 27.73 11.00
C SER B 287 -25.52 27.50 11.85
N PHE B 288 -25.04 28.57 12.48
CA PHE B 288 -23.81 28.52 13.26
C PHE B 288 -24.02 29.27 14.57
N PRO B 289 -23.40 28.81 15.67
CA PRO B 289 -23.50 29.55 16.93
C PRO B 289 -22.83 30.92 16.82
N THR B 290 -23.43 31.88 17.52
CA THR B 290 -22.97 33.26 17.49
C THR B 290 -22.35 33.64 18.82
N ARG B 291 -21.50 34.67 18.78
CA ARG B 291 -20.86 35.18 20.00
C ARG B 291 -21.88 35.81 20.94
N LEU B 292 -22.97 36.35 20.42
CA LEU B 292 -23.97 37.04 21.22
C LEU B 292 -25.14 36.09 21.53
N VAL B 293 -26.27 36.65 21.96
CA VAL B 293 -27.39 35.86 22.47
C VAL B 293 -28.15 35.11 21.39
N GLY B 294 -27.91 35.43 20.12
CA GLY B 294 -28.63 34.79 19.03
C GLY B 294 -28.60 33.27 19.03
N MET B 295 -27.42 32.70 18.83
CA MET B 295 -27.25 31.25 18.84
C MET B 295 -25.84 30.87 19.26
ZN ZN C . 7.66 -30.34 -9.26
ZN ZN D . 13.40 -35.74 -16.42
C1 PLM E . 4.71 -28.64 1.03
O1 PLM E . 4.03 -29.23 1.90
O2 PLM E . 5.65 -29.25 0.45
C2 PLM E . 4.41 -27.18 0.68
C3 PLM E . 4.94 -26.18 1.72
C4 PLM E . 4.26 -24.84 1.53
C5 PLM E . 3.96 -24.22 2.89
C6 PLM E . 2.69 -23.38 2.80
C7 PLM E . 2.47 -22.65 4.12
C8 PLM E . 1.23 -21.76 4.00
C9 PLM E . 1.32 -20.64 5.03
CA PLM E . 0.15 -19.68 4.86
CB PLM E . 0.49 -18.36 5.55
CC PLM E . -0.46 -18.13 6.71
CD PLM E . -1.65 -17.30 6.23
CE PLM E . -2.56 -17.03 7.43
CF PLM E . -3.76 -16.19 6.99
CG PLM E . -4.75 -16.11 8.14
P PO4 F . 14.74 -39.33 -9.37
O1 PO4 F . 16.22 -39.43 -9.05
O2 PO4 F . 14.54 -38.43 -10.57
O3 PO4 F . 14.19 -40.71 -9.68
O4 PO4 F . 13.99 -38.78 -8.18
ZN ZN G . -26.61 30.87 -5.16
ZN ZN H . -16.87 27.22 -6.23
C1 PLM I . -6.45 28.00 -3.61
O1 PLM I . -6.61 28.78 -2.63
O2 PLM I . -6.38 28.44 -4.78
C2 PLM I . -6.33 26.50 -3.35
C3 PLM I . -4.92 26.10 -2.96
C4 PLM I . -4.86 24.59 -2.69
C5 PLM I . -3.45 24.19 -2.27
C6 PLM I . -2.90 23.17 -3.27
C7 PLM I . -1.59 22.61 -2.73
C8 PLM I . -1.03 21.56 -3.69
C9 PLM I . 0.07 20.78 -2.98
CA PLM I . 0.73 19.82 -3.95
CB PLM I . 1.82 19.03 -3.22
CC PLM I . 2.76 18.36 -4.21
CD PLM I . 3.96 17.80 -3.46
CE PLM I . 4.93 17.15 -4.44
CF PLM I . 6.36 17.34 -3.92
CG PLM I . 7.33 16.53 -4.79
PB PAP J . -22.13 36.23 -2.69
O1B PAP J . -21.69 35.22 -3.70
O2B PAP J . -21.25 36.18 -1.47
O3B PAP J . -23.68 35.89 -2.22
PA PAP J . -21.19 38.98 -2.73
O1A PAP J . -20.83 40.02 -3.80
O2A PAP J . -22.03 39.60 -1.70
O3A PAP J . -22.02 37.72 -3.39
O5' PAP J . -19.74 38.37 -2.06
C5' PAP J . -19.00 37.51 -2.93
C4' PAP J . -17.73 36.94 -2.32
O4' PAP J . -17.43 35.84 -2.97
C3' PAP J . -16.52 37.94 -2.63
O3' PAP J . -15.61 37.86 -1.69
P PAP J . -14.81 39.31 -1.27
O1 PAP J . -13.30 39.03 -1.06
O2 PAP J . -14.96 40.33 -2.40
O3 PAP J . -15.40 39.88 -0.01
C2' PAP J . -15.93 37.46 -3.98
O2' PAP J . -14.48 37.30 -3.87
C1' PAP J . -16.48 36.26 -4.26
N9 PAP J . -17.25 36.34 -5.46
C8 PAP J . -18.03 37.33 -5.90
N7 PAP J . -18.55 36.95 -7.07
C5 PAP J . -18.10 35.74 -7.36
C6 PAP J . -18.32 34.89 -8.44
N6 PAP J . -19.19 35.26 -9.55
N1 PAP J . -17.74 33.71 -8.50
C2 PAP J . -16.91 33.31 -7.48
N3 PAP J . -16.69 34.14 -6.42
C4 PAP J . -17.29 35.35 -6.36
P PO4 K . -22.94 39.95 1.41
O1 PO4 K . -21.64 40.44 0.79
O2 PO4 K . -23.09 40.53 2.79
O3 PO4 K . -22.89 38.44 1.47
O4 PO4 K . -24.11 40.39 0.56
#